data_5OTC
#
_entry.id   5OTC
#
_cell.length_a   113.990
_cell.length_b   113.990
_cell.length_c   37.800
_cell.angle_alpha   90.00
_cell.angle_beta   90.00
_cell.angle_gamma   120.00
#
_symmetry.space_group_name_H-M   'P 32'
#
loop_
_entity.id
_entity.type
_entity.pdbx_description
1 polymer 'Nopaline-binding periplasmic protein'
2 non-polymer '(2~{S})-5-azanyl-2-(2-hydroxy-2-oxoethylamino)pentanoic acid'
3 non-polymer 1,2-ETHANEDIOL
4 non-polymer 'CHLORIDE ION'
5 non-polymer DI(HYDROXYETHYL)ETHER
6 non-polymer 'TRIETHYLENE GLYCOL'
7 water water
#
_entity_poly.entity_id   1
_entity_poly.type   'polypeptide(L)'
_entity_poly.pdbx_seq_one_letter_code
;MKDYKSITIATEGSYAPYNFKDAGGKLIGFDIDLGNDLCKRMNIECKFVEQAWDGIIPSLTAGRYDAIMAAMGIQPAREK
VIAFSRPYLLTPMTFLTTADSPLLKTQVAIENLPLDNITPEQKAELDKFTKIFEGVKFGVQAGTSHEAFMKQMMPSVQIS
TYDTIDNVVMDLKAGRIDASLASVSFLKPLTDKPDNKDLKMFGPRMTGGLFGKGVGVGIRKEDADLKALFDKAIDAAIAD
GTVQKLSQQWFGYDASPKQHHHHHH
;
_entity_poly.pdbx_strand_id   A,B
#
# COMPACT_ATOMS: atom_id res chain seq x y z
N TYR A 4 10.17 35.83 -2.79
CA TYR A 4 9.59 34.67 -2.08
C TYR A 4 10.48 34.10 -0.97
N LYS A 5 9.88 33.92 0.21
CA LYS A 5 10.48 33.32 1.41
C LYS A 5 9.69 32.08 1.81
N SER A 6 8.35 32.11 1.63
CA SER A 6 7.42 31.03 1.98
C SER A 6 6.26 30.88 0.98
N ILE A 7 5.97 29.63 0.55
CA ILE A 7 4.84 29.34 -0.34
C ILE A 7 3.96 28.20 0.21
N THR A 8 2.68 28.24 -0.15
CA THR A 8 1.70 27.21 0.17
C THR A 8 1.41 26.43 -1.13
N ILE A 9 1.60 25.11 -1.07
CA ILE A 9 1.39 24.22 -2.20
C ILE A 9 0.18 23.33 -1.95
N ALA A 10 -0.79 23.37 -2.90
CA ALA A 10 -1.96 22.50 -2.78
C ALA A 10 -1.75 21.19 -3.49
N THR A 11 -2.33 20.16 -2.91
CA THR A 11 -2.34 18.79 -3.41
C THR A 11 -3.70 18.19 -3.14
N GLU A 12 -4.03 17.11 -3.84
CA GLU A 12 -5.32 16.46 -3.69
C GLU A 12 -5.45 15.66 -2.38
N GLY A 13 -4.43 14.85 -2.07
CA GLY A 13 -4.43 14.02 -0.87
C GLY A 13 -5.15 12.69 -1.03
N SER A 14 -5.58 12.35 -2.27
CA SER A 14 -6.29 11.10 -2.58
C SER A 14 -5.96 10.55 -3.99
N TYR A 15 -4.68 10.64 -4.39
CA TYR A 15 -4.21 10.17 -5.69
C TYR A 15 -2.84 9.50 -5.56
N ALA A 16 -2.78 8.33 -4.88
CA ALA A 16 -1.57 7.55 -4.64
C ALA A 16 -0.94 7.03 -5.96
N PRO A 17 0.41 7.04 -6.13
CA PRO A 17 1.44 7.40 -5.15
C PRO A 17 1.93 8.85 -5.28
N TYR A 18 1.20 9.70 -6.04
CA TYR A 18 1.59 11.09 -6.23
C TYR A 18 1.40 11.89 -4.95
N ASN A 19 0.19 11.77 -4.36
CA ASN A 19 -0.21 12.49 -3.17
C ASN A 19 -1.37 11.76 -2.50
N PHE A 20 -1.22 11.45 -1.22
CA PHE A 20 -2.21 10.71 -0.43
C PHE A 20 -1.89 10.89 1.05
N LYS A 21 -2.66 10.24 1.92
CA LYS A 21 -2.44 10.37 3.36
C LYS A 21 -1.92 9.09 3.97
N ASP A 22 -0.90 9.21 4.84
CA ASP A 22 -0.34 8.06 5.57
C ASP A 22 -1.27 7.65 6.74
N ALA A 23 -0.83 6.69 7.60
CA ALA A 23 -1.65 6.24 8.72
C ALA A 23 -1.98 7.34 9.74
N GLY A 24 -1.09 8.34 9.86
CA GLY A 24 -1.27 9.47 10.75
C GLY A 24 -2.00 10.66 10.13
N GLY A 25 -2.47 10.49 8.89
CA GLY A 25 -3.20 11.49 8.14
C GLY A 25 -2.33 12.58 7.51
N LYS A 26 -1.00 12.37 7.53
CA LYS A 26 0.00 13.29 6.96
C LYS A 26 0.05 13.10 5.44
N LEU A 27 0.18 14.22 4.70
CA LEU A 27 0.31 14.23 3.25
C LEU A 27 1.68 13.65 2.84
N ILE A 28 1.66 12.62 2.01
CA ILE A 28 2.85 11.91 1.52
C ILE A 28 2.72 11.64 0.03
N GLY A 29 3.82 11.22 -0.58
CA GLY A 29 3.82 10.90 -2.00
C GLY A 29 4.93 11.57 -2.78
N PHE A 30 5.01 11.24 -4.07
CA PHE A 30 5.98 11.78 -5.03
C PHE A 30 5.90 13.31 -5.08
N ASP A 31 4.68 13.86 -5.20
CA ASP A 31 4.44 15.31 -5.25
C ASP A 31 4.98 16.05 -4.01
N ILE A 32 4.79 15.45 -2.82
CA ILE A 32 5.24 15.99 -1.53
C ILE A 32 6.76 15.98 -1.43
N ASP A 33 7.41 14.83 -1.71
CA ASP A 33 8.87 14.70 -1.66
C ASP A 33 9.55 15.60 -2.68
N LEU A 34 9.01 15.67 -3.92
CA LEU A 34 9.55 16.53 -4.97
C LEU A 34 9.37 18.00 -4.62
N GLY A 35 8.17 18.38 -4.19
CA GLY A 35 7.86 19.74 -3.76
C GLY A 35 8.82 20.27 -2.71
N ASN A 36 9.06 19.46 -1.65
CA ASN A 36 9.98 19.81 -0.57
C ASN A 36 11.42 19.93 -1.10
N ASP A 37 11.80 19.03 -2.04
CA ASP A 37 13.12 19.03 -2.66
C ASP A 37 13.34 20.30 -3.51
N LEU A 38 12.35 20.64 -4.37
CA LEU A 38 12.39 21.83 -5.22
C LEU A 38 12.48 23.12 -4.40
N CYS A 39 11.69 23.20 -3.29
CA CYS A 39 11.67 24.36 -2.38
C CYS A 39 12.98 24.55 -1.63
N LYS A 40 13.70 23.44 -1.36
CA LYS A 40 15.02 23.47 -0.72
C LYS A 40 16.01 24.13 -1.69
N ARG A 41 15.94 23.76 -3.00
CA ARG A 41 16.77 24.30 -4.08
C ARG A 41 16.47 25.79 -4.34
N MET A 42 15.19 26.19 -4.19
CA MET A 42 14.73 27.57 -4.38
C MET A 42 14.98 28.42 -3.12
N ASN A 43 15.32 27.77 -1.99
CA ASN A 43 15.55 28.35 -0.67
C ASN A 43 14.29 29.10 -0.18
N ILE A 44 13.16 28.37 -0.19
CA ILE A 44 11.84 28.83 0.19
C ILE A 44 11.19 27.85 1.19
N GLU A 45 10.46 28.38 2.19
CA GLU A 45 9.69 27.63 3.19
C GLU A 45 8.49 26.96 2.46
N CYS A 46 8.34 25.64 2.66
CA CYS A 46 7.32 24.83 2.00
C CYS A 46 6.21 24.32 2.93
N LYS A 47 4.95 24.66 2.61
CA LYS A 47 3.78 24.18 3.32
C LYS A 47 2.78 23.50 2.36
N PHE A 48 2.47 22.23 2.59
CA PHE A 48 1.50 21.49 1.79
C PHE A 48 0.13 21.53 2.43
N VAL A 49 -0.91 21.79 1.61
CA VAL A 49 -2.32 21.83 2.03
C VAL A 49 -3.14 20.87 1.17
N GLU A 50 -4.21 20.31 1.76
CA GLU A 50 -5.12 19.39 1.07
C GLU A 50 -6.25 20.20 0.43
N GLN A 51 -6.51 19.93 -0.85
CA GLN A 51 -7.53 20.59 -1.64
C GLN A 51 -8.23 19.56 -2.56
N ALA A 52 -9.57 19.53 -2.56
CA ALA A 52 -10.37 18.66 -3.44
C ALA A 52 -10.11 19.08 -4.89
N TRP A 53 -10.04 18.10 -5.80
CA TRP A 53 -9.75 18.30 -7.21
C TRP A 53 -10.70 19.32 -7.87
N ASP A 54 -11.99 19.31 -7.50
CA ASP A 54 -13.04 20.20 -7.99
C ASP A 54 -12.63 21.70 -8.09
N GLY A 55 -12.23 22.30 -6.99
CA GLY A 55 -11.80 23.69 -7.04
C GLY A 55 -10.32 23.94 -6.87
N ILE A 56 -9.44 22.99 -7.28
CA ILE A 56 -7.98 23.13 -7.12
C ILE A 56 -7.45 24.31 -8.00
N ILE A 57 -7.92 24.44 -9.23
CA ILE A 57 -7.49 25.51 -10.14
C ILE A 57 -8.12 26.87 -9.72
N PRO A 58 -9.46 27.04 -9.54
CA PRO A 58 -9.97 28.36 -9.12
C PRO A 58 -9.50 28.85 -7.75
N SER A 59 -9.11 27.94 -6.80
CA SER A 59 -8.55 28.33 -5.49
C SER A 59 -7.11 28.83 -5.65
N LEU A 60 -6.40 28.38 -6.71
CA LEU A 60 -5.06 28.88 -7.02
C LEU A 60 -5.18 30.32 -7.55
N THR A 61 -6.05 30.55 -8.57
CA THR A 61 -6.27 31.88 -9.17
C THR A 61 -6.88 32.87 -8.16
N ALA A 62 -7.65 32.35 -7.18
CA ALA A 62 -8.24 33.20 -6.12
C ALA A 62 -7.21 33.57 -5.02
N GLY A 63 -6.02 32.96 -5.03
CA GLY A 63 -4.93 33.24 -4.09
C GLY A 63 -5.02 32.55 -2.75
N ARG A 64 -5.64 31.38 -2.72
CA ARG A 64 -5.81 30.59 -1.49
C ARG A 64 -4.52 29.86 -1.12
N TYR A 65 -3.60 29.73 -2.11
CA TYR A 65 -2.27 29.14 -2.05
C TYR A 65 -1.49 29.60 -3.31
N ASP A 66 -0.19 29.25 -3.41
CA ASP A 66 0.69 29.76 -4.47
C ASP A 66 1.01 28.79 -5.59
N ALA A 67 0.84 27.49 -5.37
CA ALA A 67 1.15 26.47 -6.38
C ALA A 67 0.32 25.19 -6.23
N ILE A 68 0.27 24.39 -7.29
CA ILE A 68 -0.43 23.09 -7.33
C ILE A 68 0.59 22.02 -7.70
N MET A 69 0.73 21.01 -6.86
CA MET A 69 1.53 19.83 -7.14
C MET A 69 0.61 18.67 -6.84
N ALA A 70 -0.19 18.26 -7.83
CA ALA A 70 -1.22 17.24 -7.67
C ALA A 70 -1.42 16.41 -8.93
N ALA A 71 -0.33 15.74 -9.41
CA ALA A 71 -0.35 14.89 -10.62
C ALA A 71 -1.03 15.63 -11.80
N MET A 72 -0.90 16.97 -11.85
CA MET A 72 -1.63 17.75 -12.87
C MET A 72 -0.95 17.83 -14.21
N GLY A 73 -1.61 17.21 -15.20
CA GLY A 73 -1.18 17.27 -16.58
C GLY A 73 -1.22 18.68 -17.14
N ILE A 74 -0.16 19.08 -17.87
CA ILE A 74 -0.05 20.39 -18.51
C ILE A 74 -0.90 20.30 -19.79
N GLN A 75 -2.19 20.48 -19.63
CA GLN A 75 -3.08 20.31 -20.76
C GLN A 75 -3.51 21.68 -21.33
N PRO A 76 -3.69 21.78 -22.68
CA PRO A 76 -4.05 23.08 -23.28
C PRO A 76 -5.22 23.85 -22.66
N ALA A 77 -6.27 23.15 -22.22
CA ALA A 77 -7.46 23.74 -21.57
C ALA A 77 -7.06 24.42 -20.24
N ARG A 78 -6.17 23.78 -19.47
CA ARG A 78 -5.70 24.31 -18.19
C ARG A 78 -4.77 25.50 -18.37
N GLU A 79 -3.98 25.53 -19.48
CA GLU A 79 -3.05 26.60 -19.85
C GLU A 79 -3.77 27.92 -20.19
N LYS A 80 -5.07 27.85 -20.49
CA LYS A 80 -5.92 29.01 -20.75
C LYS A 80 -6.23 29.74 -19.44
N VAL A 81 -6.11 29.02 -18.31
CA VAL A 81 -6.46 29.53 -16.97
C VAL A 81 -5.23 29.78 -16.10
N ILE A 82 -4.29 28.84 -16.07
CA ILE A 82 -3.08 28.96 -15.23
C ILE A 82 -1.82 28.73 -16.05
N ALA A 83 -0.66 29.04 -15.44
CA ALA A 83 0.64 28.76 -16.03
C ALA A 83 1.18 27.45 -15.44
N PHE A 84 2.11 26.83 -16.15
CA PHE A 84 2.75 25.62 -15.66
C PHE A 84 4.24 25.74 -15.66
N SER A 85 4.87 25.00 -14.74
CA SER A 85 6.31 24.85 -14.74
C SER A 85 6.63 23.89 -15.91
N ARG A 86 7.89 23.71 -16.18
CA ARG A 86 8.44 22.73 -17.11
C ARG A 86 7.94 21.33 -16.60
N PRO A 87 7.67 20.31 -17.47
CA PRO A 87 7.26 18.99 -16.93
C PRO A 87 8.26 18.39 -15.92
N TYR A 88 7.76 17.83 -14.83
CA TYR A 88 8.62 17.15 -13.85
C TYR A 88 8.44 15.64 -13.93
N LEU A 89 7.47 15.18 -14.74
CA LEU A 89 7.19 13.77 -14.95
C LEU A 89 6.49 13.60 -16.28
N LEU A 90 6.86 12.56 -17.02
CA LEU A 90 6.24 12.27 -18.32
C LEU A 90 5.53 10.96 -18.18
N THR A 91 4.26 10.90 -18.59
CA THR A 91 3.53 9.64 -18.50
C THR A 91 2.50 9.45 -19.62
N PRO A 92 2.51 8.27 -20.29
CA PRO A 92 1.41 7.97 -21.20
C PRO A 92 0.15 7.57 -20.40
N MET A 93 -0.97 7.49 -21.11
CA MET A 93 -2.28 7.14 -20.58
C MET A 93 -2.66 5.81 -21.15
N THR A 94 -3.30 4.94 -20.33
CA THR A 94 -3.75 3.65 -20.83
C THR A 94 -5.03 3.24 -20.11
N PHE A 95 -5.64 2.10 -20.55
CA PHE A 95 -6.89 1.60 -20.00
C PHE A 95 -6.70 0.57 -18.86
N LEU A 96 -7.72 0.46 -18.00
CA LEU A 96 -7.72 -0.45 -16.86
C LEU A 96 -9.00 -1.25 -16.87
N THR A 97 -8.91 -2.56 -16.60
CA THR A 97 -10.05 -3.47 -16.49
C THR A 97 -9.75 -4.59 -15.50
N THR A 98 -10.66 -5.57 -15.36
CA THR A 98 -10.45 -6.73 -14.50
C THR A 98 -9.60 -7.79 -15.23
N ALA A 99 -8.92 -8.67 -14.48
CA ALA A 99 -8.05 -9.71 -15.01
C ALA A 99 -8.79 -10.77 -15.85
N ASP A 100 -10.10 -10.95 -15.60
CA ASP A 100 -10.94 -11.91 -16.29
C ASP A 100 -11.77 -11.29 -17.45
N SER A 101 -11.49 -10.04 -17.79
CA SER A 101 -12.23 -9.31 -18.81
C SER A 101 -11.90 -9.73 -20.26
N PRO A 102 -12.94 -9.98 -21.11
CA PRO A 102 -12.65 -10.26 -22.54
C PRO A 102 -11.97 -9.08 -23.26
N LEU A 103 -12.06 -7.85 -22.70
CA LEU A 103 -11.41 -6.64 -23.22
C LEU A 103 -9.90 -6.81 -23.33
N LEU A 104 -9.31 -7.69 -22.49
CA LEU A 104 -7.88 -7.97 -22.45
C LEU A 104 -7.32 -8.67 -23.70
N LYS A 105 -8.20 -9.43 -24.42
CA LYS A 105 -7.84 -10.19 -25.62
C LYS A 105 -7.78 -9.30 -26.87
N THR A 106 -8.20 -8.01 -26.75
CA THR A 106 -8.19 -7.03 -27.86
C THR A 106 -6.77 -6.81 -28.31
N GLN A 107 -6.55 -6.90 -29.62
CA GLN A 107 -5.26 -6.70 -30.27
C GLN A 107 -4.89 -5.21 -30.26
N VAL A 108 -3.64 -4.90 -29.95
CA VAL A 108 -3.19 -3.51 -29.95
C VAL A 108 -2.31 -3.34 -31.19
N ALA A 109 -2.82 -2.59 -32.18
CA ALA A 109 -2.09 -2.34 -33.43
C ALA A 109 -1.03 -1.23 -33.23
N ILE A 110 -1.34 -0.22 -32.39
CA ILE A 110 -0.42 0.90 -32.09
C ILE A 110 -0.13 0.94 -30.58
N GLU A 111 1.06 0.40 -30.15
CA GLU A 111 1.50 0.35 -28.73
C GLU A 111 1.63 1.75 -28.12
N ASN A 112 2.29 2.67 -28.83
CA ASN A 112 2.49 4.05 -28.39
C ASN A 112 1.72 4.98 -29.34
N LEU A 113 0.59 5.49 -28.87
CA LEU A 113 -0.32 6.33 -29.65
C LEU A 113 -0.24 7.84 -29.34
N PRO A 114 0.50 8.65 -30.16
CA PRO A 114 0.51 10.12 -29.93
C PRO A 114 -0.77 10.75 -30.50
N LEU A 115 -1.34 11.73 -29.77
CA LEU A 115 -2.60 12.34 -30.18
C LEU A 115 -2.49 13.78 -30.72
N ASP A 116 -1.25 14.29 -30.91
CA ASP A 116 -0.98 15.66 -31.38
C ASP A 116 -1.43 15.92 -32.81
N ASN A 117 -1.25 14.94 -33.71
CA ASN A 117 -1.66 15.06 -35.11
C ASN A 117 -2.18 13.71 -35.64
N ILE A 118 -3.42 13.36 -35.21
CA ILE A 118 -4.09 12.07 -35.47
C ILE A 118 -4.25 11.77 -36.97
N THR A 119 -3.53 10.75 -37.42
CA THR A 119 -3.53 10.27 -38.80
C THR A 119 -4.74 9.32 -39.02
N PRO A 120 -5.13 8.99 -40.27
CA PRO A 120 -6.24 8.04 -40.46
C PRO A 120 -5.98 6.68 -39.80
N GLU A 121 -4.69 6.27 -39.72
CA GLU A 121 -4.25 5.03 -39.10
C GLU A 121 -4.50 5.07 -37.57
N GLN A 122 -4.14 6.21 -36.96
CA GLN A 122 -4.30 6.47 -35.52
C GLN A 122 -5.77 6.57 -35.16
N LYS A 123 -6.57 7.22 -36.03
CA LYS A 123 -8.00 7.38 -35.86
C LYS A 123 -8.68 6.01 -35.93
N ALA A 124 -8.23 5.14 -36.86
CA ALA A 124 -8.73 3.78 -37.05
C ALA A 124 -8.57 2.95 -35.77
N GLU A 125 -7.41 3.09 -35.08
CA GLU A 125 -7.11 2.41 -33.81
C GLU A 125 -8.04 2.94 -32.70
N LEU A 126 -8.21 4.28 -32.64
CA LEU A 126 -9.09 4.96 -31.69
C LEU A 126 -10.55 4.50 -31.88
N ASP A 127 -11.01 4.41 -33.16
CA ASP A 127 -12.34 3.96 -33.53
C ASP A 127 -12.61 2.49 -33.18
N LYS A 128 -11.59 1.62 -33.34
CA LYS A 128 -11.65 0.20 -32.99
C LYS A 128 -11.99 0.06 -31.50
N PHE A 129 -11.23 0.77 -30.63
CA PHE A 129 -11.41 0.77 -29.18
C PHE A 129 -12.73 1.39 -28.79
N THR A 130 -13.15 2.49 -29.45
CA THR A 130 -14.46 3.13 -29.23
C THR A 130 -15.58 2.09 -29.47
N LYS A 131 -15.53 1.36 -30.61
CA LYS A 131 -16.53 0.36 -30.97
C LYS A 131 -16.55 -0.85 -30.02
N ILE A 132 -15.39 -1.27 -29.51
CA ILE A 132 -15.26 -2.34 -28.53
C ILE A 132 -15.88 -1.88 -27.15
N PHE A 133 -15.68 -0.59 -26.79
CA PHE A 133 -16.13 0.02 -25.52
C PHE A 133 -17.63 0.36 -25.49
N GLU A 134 -18.33 0.10 -26.61
CA GLU A 134 -19.77 0.27 -26.75
C GLU A 134 -20.43 -0.86 -25.93
N GLY A 135 -21.37 -0.50 -25.06
CA GLY A 135 -21.99 -1.47 -24.16
C GLY A 135 -21.23 -1.66 -22.86
N VAL A 136 -19.92 -1.34 -22.86
CA VAL A 136 -19.02 -1.39 -21.71
C VAL A 136 -19.22 -0.14 -20.83
N LYS A 137 -19.44 -0.32 -19.54
CA LYS A 137 -19.64 0.79 -18.60
C LYS A 137 -18.25 1.34 -18.21
N PHE A 138 -17.97 2.61 -18.52
CA PHE A 138 -16.69 3.26 -18.17
C PHE A 138 -16.84 4.20 -16.98
N GLY A 139 -15.81 4.23 -16.15
CA GLY A 139 -15.77 5.09 -14.98
C GLY A 139 -14.49 5.90 -15.00
N VAL A 140 -14.61 7.22 -14.69
CA VAL A 140 -13.45 8.13 -14.64
C VAL A 140 -13.61 9.12 -13.51
N GLN A 141 -12.50 9.69 -13.02
CA GLN A 141 -12.61 10.76 -12.04
C GLN A 141 -13.04 12.04 -12.80
N ALA A 142 -13.97 12.81 -12.25
CA ALA A 142 -14.46 14.05 -12.83
C ALA A 142 -13.37 15.13 -12.79
N GLY A 143 -13.38 16.02 -13.78
CA GLY A 143 -12.42 17.12 -13.89
C GLY A 143 -11.02 16.72 -14.31
N THR A 144 -10.87 15.51 -14.88
CA THR A 144 -9.59 14.99 -15.32
C THR A 144 -9.44 14.97 -16.82
N SER A 145 -8.19 14.81 -17.32
CA SER A 145 -7.87 14.67 -18.74
C SER A 145 -8.48 13.33 -19.25
N HIS A 146 -8.72 12.38 -18.33
CA HIS A 146 -9.32 11.06 -18.60
C HIS A 146 -10.79 11.24 -19.00
N GLU A 147 -11.52 12.11 -18.27
CA GLU A 147 -12.91 12.48 -18.57
C GLU A 147 -12.95 13.28 -19.89
N ALA A 148 -12.00 14.22 -20.08
CA ALA A 148 -11.89 15.05 -21.28
C ALA A 148 -11.64 14.19 -22.51
N PHE A 149 -10.77 13.16 -22.39
CA PHE A 149 -10.49 12.23 -23.49
C PHE A 149 -11.75 11.44 -23.84
N MET A 150 -12.45 10.89 -22.85
CA MET A 150 -13.66 10.11 -23.09
C MET A 150 -14.77 10.93 -23.75
N LYS A 151 -15.03 12.15 -23.27
CA LYS A 151 -16.06 13.03 -23.83
C LYS A 151 -15.76 13.52 -25.25
N GLN A 152 -14.48 13.79 -25.55
CA GLN A 152 -14.07 14.33 -26.84
C GLN A 152 -13.70 13.29 -27.88
N MET A 153 -12.99 12.22 -27.48
CA MET A 153 -12.48 11.20 -28.39
C MET A 153 -13.38 9.99 -28.51
N MET A 154 -14.10 9.62 -27.44
CA MET A 154 -14.99 8.45 -27.41
C MET A 154 -16.39 8.86 -26.87
N PRO A 155 -17.08 9.87 -27.48
CA PRO A 155 -18.37 10.34 -26.91
C PRO A 155 -19.50 9.34 -26.86
N SER A 156 -19.47 8.31 -27.74
CA SER A 156 -20.49 7.26 -27.83
C SER A 156 -20.38 6.24 -26.69
N VAL A 157 -19.30 6.31 -25.91
CA VAL A 157 -19.04 5.41 -24.79
C VAL A 157 -19.71 5.96 -23.52
N GLN A 158 -20.47 5.10 -22.84
CA GLN A 158 -21.12 5.46 -21.59
C GLN A 158 -20.08 5.60 -20.51
N ILE A 159 -20.03 6.79 -19.89
CA ILE A 159 -19.13 7.09 -18.79
C ILE A 159 -19.87 7.57 -17.52
N SER A 160 -19.34 7.21 -16.36
CA SER A 160 -19.79 7.62 -15.03
C SER A 160 -18.58 8.39 -14.48
N THR A 161 -18.83 9.55 -13.88
CA THR A 161 -17.76 10.37 -13.30
C THR A 161 -17.82 10.29 -11.78
N TYR A 162 -16.64 10.31 -11.14
CA TYR A 162 -16.47 10.16 -9.70
C TYR A 162 -15.71 11.32 -9.10
N ASP A 163 -15.93 11.60 -7.82
CA ASP A 163 -15.23 12.65 -7.09
C ASP A 163 -13.74 12.31 -6.98
N THR A 164 -13.42 11.04 -6.62
CA THR A 164 -12.04 10.55 -6.44
C THR A 164 -11.77 9.31 -7.28
N ILE A 165 -10.47 9.05 -7.54
CA ILE A 165 -10.01 7.88 -8.28
C ILE A 165 -10.22 6.59 -7.46
N ASP A 166 -10.23 6.70 -6.12
CA ASP A 166 -10.44 5.57 -5.20
C ASP A 166 -11.84 4.97 -5.35
N ASN A 167 -12.84 5.83 -5.60
CA ASN A 167 -14.23 5.42 -5.86
C ASN A 167 -14.33 4.71 -7.22
N VAL A 168 -13.53 5.16 -8.22
CA VAL A 168 -13.46 4.53 -9.55
C VAL A 168 -12.98 3.08 -9.37
N VAL A 169 -11.79 2.91 -8.72
CA VAL A 169 -11.15 1.62 -8.46
C VAL A 169 -12.09 0.68 -7.70
N MET A 170 -12.75 1.19 -6.64
CA MET A 170 -13.74 0.47 -5.81
C MET A 170 -14.86 -0.13 -6.68
N ASP A 171 -15.47 0.70 -7.56
CA ASP A 171 -16.54 0.30 -8.46
C ASP A 171 -16.09 -0.69 -9.55
N LEU A 172 -14.82 -0.60 -9.99
CA LEU A 172 -14.29 -1.55 -10.98
C LEU A 172 -14.13 -2.94 -10.35
N LYS A 173 -13.56 -2.98 -9.13
CA LYS A 173 -13.40 -4.21 -8.34
C LYS A 173 -14.74 -4.82 -7.97
N ALA A 174 -15.73 -3.97 -7.60
CA ALA A 174 -17.09 -4.41 -7.27
C ALA A 174 -17.93 -4.84 -8.49
N GLY A 175 -17.49 -4.46 -9.69
CA GLY A 175 -18.17 -4.80 -10.94
C GLY A 175 -19.30 -3.87 -11.38
N ARG A 176 -19.34 -2.65 -10.81
CA ARG A 176 -20.31 -1.58 -11.11
C ARG A 176 -19.93 -0.86 -12.42
N ILE A 177 -18.62 -0.87 -12.76
CA ILE A 177 -18.08 -0.38 -14.03
C ILE A 177 -17.22 -1.51 -14.59
N ASP A 178 -17.00 -1.50 -15.91
CA ASP A 178 -16.24 -2.53 -16.61
C ASP A 178 -14.83 -2.11 -16.99
N ALA A 179 -14.57 -0.80 -17.09
CA ALA A 179 -13.26 -0.30 -17.49
C ALA A 179 -13.04 1.14 -17.01
N SER A 180 -11.76 1.56 -17.04
CA SER A 180 -11.35 2.91 -16.71
C SER A 180 -10.16 3.34 -17.58
N LEU A 181 -9.70 4.57 -17.36
CA LEU A 181 -8.58 5.18 -18.07
C LEU A 181 -7.86 6.07 -17.05
N ALA A 182 -6.53 6.03 -17.02
CA ALA A 182 -5.66 6.87 -16.18
C ALA A 182 -4.24 6.79 -16.76
N SER A 183 -3.26 7.47 -16.14
CA SER A 183 -1.90 7.36 -16.61
C SER A 183 -1.27 6.06 -16.13
N VAL A 184 -0.22 5.62 -16.84
CA VAL A 184 0.60 4.46 -16.51
C VAL A 184 1.24 4.70 -15.12
N SER A 185 1.63 5.94 -14.82
CA SER A 185 2.24 6.31 -13.53
C SER A 185 1.30 6.04 -12.35
N PHE A 186 -0.02 6.10 -12.55
CA PHE A 186 -1.02 5.77 -11.53
C PHE A 186 -1.35 4.25 -11.57
N LEU A 187 -1.57 3.70 -12.78
CA LEU A 187 -2.03 2.33 -13.01
C LEU A 187 -0.97 1.26 -12.77
N LYS A 188 0.30 1.52 -13.08
CA LYS A 188 1.34 0.53 -12.83
C LYS A 188 1.53 0.26 -11.31
N PRO A 189 1.83 1.25 -10.43
CA PRO A 189 1.92 0.94 -8.99
C PRO A 189 0.63 0.31 -8.41
N LEU A 190 -0.56 0.69 -8.94
CA LEU A 190 -1.84 0.12 -8.53
C LEU A 190 -1.92 -1.39 -8.89
N THR A 191 -1.58 -1.76 -10.14
CA THR A 191 -1.66 -3.14 -10.63
C THR A 191 -0.47 -3.98 -10.15
N ASP A 192 0.62 -3.32 -9.69
CA ASP A 192 1.79 -4.01 -9.13
C ASP A 192 1.49 -4.51 -7.73
N LYS A 193 0.48 -3.93 -7.06
CA LYS A 193 0.10 -4.34 -5.69
C LYS A 193 -0.48 -5.75 -5.70
N PRO A 194 -0.08 -6.64 -4.74
CA PRO A 194 -0.67 -8.00 -4.72
C PRO A 194 -2.17 -7.94 -4.41
N ASP A 195 -2.61 -6.82 -3.84
CA ASP A 195 -3.98 -6.45 -3.50
C ASP A 195 -4.84 -6.41 -4.79
N ASN A 196 -4.22 -5.99 -5.91
CA ASN A 196 -4.89 -5.75 -7.18
C ASN A 196 -4.42 -6.64 -8.32
N LYS A 197 -4.22 -7.93 -8.04
CA LYS A 197 -3.86 -8.89 -9.09
C LYS A 197 -5.08 -9.20 -9.98
N ASP A 198 -6.29 -8.82 -9.52
CA ASP A 198 -7.55 -8.93 -10.24
C ASP A 198 -7.79 -7.74 -11.25
N LEU A 199 -6.81 -6.81 -11.35
CA LEU A 199 -6.84 -5.63 -12.23
C LEU A 199 -5.66 -5.63 -13.21
N LYS A 200 -5.92 -5.29 -14.48
CA LYS A 200 -4.86 -5.28 -15.51
C LYS A 200 -4.94 -4.07 -16.42
N MET A 201 -3.77 -3.52 -16.81
CA MET A 201 -3.69 -2.43 -17.78
C MET A 201 -3.83 -3.04 -19.19
N PHE A 202 -4.41 -2.29 -20.16
CA PHE A 202 -4.56 -2.77 -21.54
C PHE A 202 -4.74 -1.62 -22.51
N GLY A 203 -4.55 -1.90 -23.80
CA GLY A 203 -4.74 -0.95 -24.89
C GLY A 203 -3.50 -0.15 -25.22
N PRO A 204 -3.63 0.83 -26.13
CA PRO A 204 -2.47 1.68 -26.46
C PRO A 204 -2.08 2.58 -25.29
N ARG A 205 -0.82 3.05 -25.31
CA ARG A 205 -0.29 4.00 -24.35
C ARG A 205 -0.30 5.30 -25.10
N MET A 206 -1.20 6.20 -24.70
CA MET A 206 -1.43 7.48 -25.37
C MET A 206 -0.73 8.67 -24.73
N THR A 207 -0.23 9.59 -25.57
CA THR A 207 0.44 10.83 -25.16
C THR A 207 -0.07 12.00 -26.01
N GLY A 208 0.15 13.21 -25.52
CA GLY A 208 -0.22 14.42 -26.28
C GLY A 208 -1.70 14.67 -26.48
N GLY A 209 -2.02 15.53 -27.44
CA GLY A 209 -3.40 15.94 -27.70
C GLY A 209 -3.93 16.63 -26.46
N LEU A 210 -5.18 16.32 -26.06
CA LEU A 210 -5.78 16.90 -24.84
C LEU A 210 -5.10 16.45 -23.52
N PHE A 211 -4.21 15.44 -23.58
CA PHE A 211 -3.50 15.01 -22.37
C PHE A 211 -2.33 15.93 -22.06
N GLY A 212 -1.90 16.70 -23.07
CA GLY A 212 -0.81 17.65 -22.94
C GLY A 212 0.57 17.03 -22.91
N LYS A 213 1.56 17.78 -22.35
CA LYS A 213 2.96 17.35 -22.33
C LYS A 213 3.55 17.15 -20.93
N GLY A 214 3.07 16.11 -20.22
CA GLY A 214 3.58 15.78 -18.89
C GLY A 214 2.87 16.46 -17.74
N VAL A 215 3.37 16.16 -16.53
CA VAL A 215 2.87 16.67 -15.26
C VAL A 215 3.76 17.85 -14.83
N GLY A 216 3.13 18.98 -14.51
CA GLY A 216 3.83 20.19 -14.09
C GLY A 216 3.21 20.85 -12.88
N VAL A 217 3.93 21.85 -12.33
CA VAL A 217 3.47 22.65 -11.20
C VAL A 217 2.53 23.74 -11.74
N GLY A 218 1.32 23.81 -11.21
CA GLY A 218 0.34 24.83 -11.54
C GLY A 218 0.67 26.10 -10.79
N ILE A 219 0.85 27.21 -11.51
CA ILE A 219 1.21 28.52 -10.95
C ILE A 219 0.33 29.60 -11.62
N ARG A 220 0.00 30.69 -10.90
CA ARG A 220 -0.76 31.80 -11.48
C ARG A 220 0.04 32.41 -12.64
N LYS A 221 -0.65 32.79 -13.74
CA LYS A 221 0.01 33.36 -14.92
C LYS A 221 0.85 34.60 -14.63
N GLU A 222 0.40 35.48 -13.71
CA GLU A 222 1.12 36.70 -13.34
C GLU A 222 2.37 36.42 -12.48
N ASP A 223 2.47 35.22 -11.87
CA ASP A 223 3.62 34.82 -11.05
C ASP A 223 4.77 34.22 -11.89
N ALA A 224 5.28 35.01 -12.86
CA ALA A 224 6.37 34.64 -13.77
C ALA A 224 7.67 34.31 -13.03
N ASP A 225 7.99 35.05 -11.96
CA ASP A 225 9.18 34.84 -11.13
C ASP A 225 9.13 33.50 -10.41
N LEU A 226 7.96 33.12 -9.82
CA LEU A 226 7.81 31.81 -9.16
C LEU A 226 7.94 30.65 -10.18
N LYS A 227 7.41 30.83 -11.43
CA LYS A 227 7.56 29.85 -12.50
C LYS A 227 9.06 29.68 -12.86
N ALA A 228 9.80 30.79 -13.09
CA ALA A 228 11.23 30.83 -13.38
C ALA A 228 12.05 30.08 -12.31
N LEU A 229 11.68 30.25 -11.00
CA LEU A 229 12.32 29.58 -9.86
C LEU A 229 12.04 28.07 -9.92
N PHE A 230 10.77 27.67 -10.16
CA PHE A 230 10.37 26.26 -10.27
C PHE A 230 11.06 25.58 -11.46
N ASP A 231 11.11 26.24 -12.63
CA ASP A 231 11.76 25.71 -13.83
C ASP A 231 13.24 25.45 -13.64
N LYS A 232 13.97 26.36 -12.94
CA LYS A 232 15.39 26.17 -12.64
C LYS A 232 15.58 24.98 -11.67
N ALA A 233 14.76 24.91 -10.60
CA ALA A 233 14.77 23.86 -9.59
C ALA A 233 14.44 22.47 -10.20
N ILE A 234 13.46 22.40 -11.13
CA ILE A 234 13.06 21.16 -11.79
C ILE A 234 14.19 20.67 -12.74
N ASP A 235 14.77 21.59 -13.54
CA ASP A 235 15.91 21.27 -14.44
C ASP A 235 17.10 20.69 -13.64
N ALA A 236 17.35 21.23 -12.44
CA ALA A 236 18.43 20.76 -11.57
C ALA A 236 18.11 19.38 -10.96
N ALA A 237 16.85 19.19 -10.49
CA ALA A 237 16.37 17.91 -9.92
C ALA A 237 16.37 16.77 -10.96
N ILE A 238 16.10 17.10 -12.24
CA ILE A 238 16.12 16.16 -13.36
C ILE A 238 17.59 15.81 -13.65
N ALA A 239 18.43 16.84 -13.87
CA ALA A 239 19.85 16.68 -14.19
C ALA A 239 20.65 15.82 -13.19
N ASP A 240 20.43 16.01 -11.87
CA ASP A 240 21.19 15.27 -10.84
C ASP A 240 20.57 13.89 -10.46
N GLY A 241 19.48 13.51 -11.16
CA GLY A 241 18.81 12.23 -10.97
C GLY A 241 17.87 12.10 -9.79
N THR A 242 17.48 13.23 -9.16
CA THR A 242 16.56 13.27 -8.01
C THR A 242 15.15 12.86 -8.42
N VAL A 243 14.68 13.30 -9.61
CA VAL A 243 13.34 12.97 -10.09
C VAL A 243 13.27 11.46 -10.40
N GLN A 244 14.30 10.91 -11.04
CA GLN A 244 14.44 9.49 -11.38
C GLN A 244 14.40 8.62 -10.10
N LYS A 245 15.13 9.04 -9.05
CA LYS A 245 15.19 8.37 -7.76
C LYS A 245 13.80 8.34 -7.09
N LEU A 246 13.09 9.49 -7.04
CA LEU A 246 11.75 9.59 -6.46
C LEU A 246 10.69 8.86 -7.29
N SER A 247 10.88 8.80 -8.61
CA SER A 247 10.01 8.08 -9.52
C SER A 247 10.12 6.56 -9.25
N GLN A 248 11.33 6.03 -9.10
CA GLN A 248 11.50 4.62 -8.80
C GLN A 248 10.97 4.26 -7.41
N GLN A 249 11.26 5.11 -6.42
CA GLN A 249 10.78 4.96 -5.05
C GLN A 249 9.23 4.90 -5.00
N TRP A 250 8.54 5.87 -5.61
CA TRP A 250 7.08 5.91 -5.53
C TRP A 250 6.30 5.12 -6.60
N PHE A 251 6.79 5.10 -7.85
CA PHE A 251 6.08 4.43 -8.95
C PHE A 251 6.61 3.05 -9.32
N GLY A 252 7.80 2.71 -8.85
CA GLY A 252 8.44 1.42 -9.15
C GLY A 252 9.10 1.37 -10.52
N TYR A 253 9.26 2.54 -11.18
CA TYR A 253 9.90 2.70 -12.50
C TYR A 253 10.30 4.17 -12.75
N ASP A 254 11.10 4.41 -13.80
CA ASP A 254 11.53 5.77 -14.17
C ASP A 254 10.56 6.49 -15.14
N ALA A 255 9.81 7.48 -14.62
CA ALA A 255 8.89 8.30 -15.40
C ALA A 255 9.39 9.76 -15.50
N SER A 256 10.67 9.99 -15.15
CA SER A 256 11.29 11.32 -15.18
C SER A 256 11.55 11.81 -16.62
N PRO A 257 11.42 13.13 -16.90
CA PRO A 257 11.71 13.62 -18.26
C PRO A 257 13.21 13.66 -18.52
N LYS A 258 13.60 13.87 -19.79
CA LYS A 258 15.02 14.00 -20.16
C LYS A 258 15.33 15.49 -20.49
N GLN A 259 16.57 15.96 -20.25
CA GLN A 259 16.92 17.37 -20.52
C GLN A 259 17.07 17.67 -22.02
N ASP B 3 -14.18 -36.74 7.31
CA ASP B 3 -15.25 -36.76 6.31
C ASP B 3 -15.51 -35.37 5.70
N TYR B 4 -14.65 -34.38 6.03
CA TYR B 4 -14.72 -32.97 5.62
C TYR B 4 -14.89 -32.74 4.12
N LYS B 5 -15.88 -31.91 3.77
CA LYS B 5 -16.23 -31.49 2.42
C LYS B 5 -16.14 -29.97 2.32
N SER B 6 -16.51 -29.25 3.42
CA SER B 6 -16.51 -27.79 3.51
C SER B 6 -16.12 -27.26 4.89
N ILE B 7 -15.21 -26.26 4.94
CA ILE B 7 -14.79 -25.63 6.20
C ILE B 7 -14.86 -24.11 6.12
N THR B 8 -15.07 -23.47 7.27
CA THR B 8 -15.09 -22.03 7.42
C THR B 8 -13.81 -21.62 8.16
N ILE B 9 -13.01 -20.74 7.55
CA ILE B 9 -11.75 -20.27 8.15
C ILE B 9 -11.90 -18.81 8.51
N ALA B 10 -11.64 -18.47 9.79
CA ALA B 10 -11.68 -17.10 10.25
C ALA B 10 -10.35 -16.42 10.12
N THR B 11 -10.42 -15.12 9.83
CA THR B 11 -9.29 -14.23 9.70
C THR B 11 -9.66 -12.88 10.31
N GLU B 12 -8.66 -12.07 10.64
CA GLU B 12 -8.90 -10.77 11.26
C GLU B 12 -9.44 -9.72 10.29
N GLY B 13 -8.84 -9.61 9.11
CA GLY B 13 -9.23 -8.64 8.10
C GLY B 13 -8.65 -7.25 8.28
N SER B 14 -7.72 -7.09 9.25
CA SER B 14 -7.04 -5.83 9.54
C SER B 14 -5.57 -6.01 10.02
N TYR B 15 -4.83 -6.93 9.37
CA TYR B 15 -3.44 -7.22 9.69
C TYR B 15 -2.64 -7.47 8.42
N ALA B 16 -2.44 -6.41 7.59
CA ALA B 16 -1.72 -6.47 6.32
C ALA B 16 -0.23 -6.81 6.52
N PRO B 17 0.39 -7.65 5.66
CA PRO B 17 -0.15 -8.27 4.44
C PRO B 17 -0.68 -9.69 4.62
N TYR B 18 -0.87 -10.13 5.88
CA TYR B 18 -1.38 -11.47 6.18
C TYR B 18 -2.85 -11.60 5.80
N ASN B 19 -3.66 -10.63 6.26
CA ASN B 19 -5.10 -10.60 6.03
C ASN B 19 -5.61 -9.17 6.21
N PHE B 20 -6.31 -8.65 5.20
CA PHE B 20 -6.84 -7.29 5.18
C PHE B 20 -7.89 -7.17 4.08
N LYS B 21 -8.46 -5.98 3.90
CA LYS B 21 -9.49 -5.78 2.89
C LYS B 21 -8.99 -4.92 1.74
N ASP B 22 -9.30 -5.34 0.49
CA ASP B 22 -8.93 -4.60 -0.72
C ASP B 22 -9.89 -3.39 -0.92
N ALA B 23 -9.76 -2.67 -2.05
CA ALA B 23 -10.62 -1.52 -2.36
C ALA B 23 -12.12 -1.86 -2.43
N GLY B 24 -12.45 -3.10 -2.83
CA GLY B 24 -13.83 -3.59 -2.90
C GLY B 24 -14.35 -4.22 -1.62
N GLY B 25 -13.54 -4.18 -0.55
CA GLY B 25 -13.86 -4.73 0.76
C GLY B 25 -13.70 -6.24 0.89
N LYS B 26 -13.09 -6.88 -0.13
CA LYS B 26 -12.84 -8.31 -0.19
C LYS B 26 -11.63 -8.67 0.67
N LEU B 27 -11.71 -9.82 1.39
CA LEU B 27 -10.61 -10.33 2.21
C LEU B 27 -9.47 -10.84 1.30
N ILE B 28 -8.27 -10.28 1.50
CA ILE B 28 -7.08 -10.60 0.73
C ILE B 28 -5.88 -10.75 1.68
N GLY B 29 -4.78 -11.26 1.14
CA GLY B 29 -3.55 -11.43 1.91
C GLY B 29 -2.97 -12.81 1.83
N PHE B 30 -1.79 -12.98 2.45
CA PHE B 30 -1.05 -14.23 2.53
C PHE B 30 -1.91 -15.36 3.11
N ASP B 31 -2.59 -15.10 4.25
CA ASP B 31 -3.47 -16.07 4.93
C ASP B 31 -4.61 -16.57 4.03
N ILE B 32 -5.21 -15.67 3.23
CA ILE B 32 -6.30 -15.96 2.29
C ILE B 32 -5.82 -16.84 1.15
N ASP B 33 -4.72 -16.42 0.46
CA ASP B 33 -4.14 -17.18 -0.65
C ASP B 33 -3.65 -18.55 -0.22
N LEU B 34 -2.98 -18.65 0.96
CA LEU B 34 -2.48 -19.91 1.50
C LEU B 34 -3.63 -20.81 1.89
N GLY B 35 -4.61 -20.28 2.62
CA GLY B 35 -5.81 -20.99 3.03
C GLY B 35 -6.53 -21.67 1.89
N ASN B 36 -6.78 -20.91 0.80
CA ASN B 36 -7.42 -21.41 -0.42
C ASN B 36 -6.57 -22.48 -1.09
N ASP B 37 -5.23 -22.30 -1.07
CA ASP B 37 -4.28 -23.27 -1.64
C ASP B 37 -4.27 -24.58 -0.85
N LEU B 38 -4.21 -24.50 0.48
CA LEU B 38 -4.23 -25.68 1.37
C LEU B 38 -5.52 -26.47 1.22
N CYS B 39 -6.67 -25.77 1.13
CA CYS B 39 -8.00 -26.37 0.96
C CYS B 39 -8.18 -27.07 -0.40
N LYS B 40 -7.47 -26.58 -1.44
CA LYS B 40 -7.46 -27.19 -2.77
C LYS B 40 -6.74 -28.54 -2.66
N ARG B 41 -5.61 -28.59 -1.92
CA ARG B 41 -4.81 -29.79 -1.68
C ARG B 41 -5.56 -30.82 -0.85
N MET B 42 -6.38 -30.34 0.11
CA MET B 42 -7.20 -31.15 1.00
C MET B 42 -8.48 -31.63 0.30
N ASN B 43 -8.81 -31.00 -0.85
CA ASN B 43 -10.04 -31.21 -1.65
C ASN B 43 -11.30 -30.91 -0.80
N ILE B 44 -11.29 -29.71 -0.20
CA ILE B 44 -12.32 -29.18 0.69
C ILE B 44 -12.75 -27.77 0.22
N GLU B 45 -14.07 -27.47 0.31
CA GLU B 45 -14.68 -26.18 0.00
C GLU B 45 -14.22 -25.17 1.07
N CYS B 46 -13.69 -24.03 0.63
CA CYS B 46 -13.12 -22.99 1.47
C CYS B 46 -13.94 -21.70 1.54
N LYS B 47 -14.34 -21.29 2.76
CA LYS B 47 -15.07 -20.04 2.98
C LYS B 47 -14.35 -19.21 4.05
N PHE B 48 -13.92 -17.98 3.68
CA PHE B 48 -13.25 -17.08 4.62
C PHE B 48 -14.24 -16.11 5.22
N VAL B 49 -14.15 -15.95 6.56
CA VAL B 49 -14.99 -15.03 7.33
C VAL B 49 -14.12 -14.03 8.10
N GLU B 50 -14.62 -12.81 8.31
CA GLU B 50 -13.95 -11.77 9.08
C GLU B 50 -14.38 -11.90 10.56
N GLN B 51 -13.39 -11.90 11.45
CA GLN B 51 -13.58 -12.02 12.89
C GLN B 51 -12.58 -11.11 13.62
N ALA B 52 -13.07 -10.28 14.57
CA ALA B 52 -12.22 -9.39 15.38
C ALA B 52 -11.30 -10.26 16.23
N TRP B 53 -10.06 -9.82 16.43
CA TRP B 53 -9.02 -10.54 17.18
C TRP B 53 -9.47 -10.93 18.59
N ASP B 54 -10.23 -10.04 19.26
CA ASP B 54 -10.76 -10.20 20.62
C ASP B 54 -11.43 -11.56 20.87
N GLY B 55 -12.37 -11.94 20.00
CA GLY B 55 -13.07 -13.21 20.11
C GLY B 55 -12.79 -14.19 18.99
N ILE B 56 -11.53 -14.27 18.51
CA ILE B 56 -11.17 -15.21 17.44
C ILE B 56 -10.99 -16.65 18.00
N ILE B 57 -10.34 -16.80 19.17
CA ILE B 57 -10.12 -18.11 19.78
C ILE B 57 -11.45 -18.65 20.41
N PRO B 58 -12.20 -17.91 21.28
CA PRO B 58 -13.45 -18.48 21.82
C PRO B 58 -14.53 -18.80 20.77
N SER B 59 -14.56 -18.09 19.61
CA SER B 59 -15.52 -18.37 18.53
C SER B 59 -15.13 -19.66 17.78
N LEU B 60 -13.82 -20.01 17.80
CA LEU B 60 -13.35 -21.28 17.22
C LEU B 60 -13.82 -22.44 18.12
N THR B 61 -13.54 -22.37 19.45
CA THR B 61 -13.94 -23.39 20.42
C THR B 61 -15.47 -23.52 20.53
N ALA B 62 -16.21 -22.43 20.26
CA ALA B 62 -17.68 -22.44 20.28
C ALA B 62 -18.29 -23.05 19.01
N GLY B 63 -17.47 -23.27 17.98
CA GLY B 63 -17.88 -23.88 16.72
C GLY B 63 -18.53 -22.98 15.70
N ARG B 64 -18.22 -21.66 15.73
CA ARG B 64 -18.75 -20.70 14.76
C ARG B 64 -18.08 -20.83 13.40
N TYR B 65 -16.88 -21.43 13.39
CA TYR B 65 -16.04 -21.77 12.24
C TYR B 65 -15.10 -22.92 12.62
N ASP B 66 -14.34 -23.46 11.63
CA ASP B 66 -13.51 -24.65 11.84
C ASP B 66 -12.00 -24.41 11.99
N ALA B 67 -11.50 -23.25 11.55
CA ALA B 67 -10.08 -22.93 11.64
C ALA B 67 -9.79 -21.42 11.71
N ILE B 68 -8.58 -21.07 12.17
CA ILE B 68 -8.10 -19.69 12.26
C ILE B 68 -6.83 -19.58 11.42
N MET B 69 -6.83 -18.66 10.47
CA MET B 69 -5.65 -18.31 9.67
C MET B 69 -5.59 -16.80 9.74
N ALA B 70 -4.92 -16.30 10.80
CA ALA B 70 -4.86 -14.87 11.08
C ALA B 70 -3.54 -14.48 11.74
N ALA B 71 -2.39 -14.74 11.06
CA ALA B 71 -1.04 -14.42 11.55
C ALA B 71 -0.85 -14.91 13.00
N MET B 72 -1.52 -16.02 13.37
CA MET B 72 -1.49 -16.47 14.76
C MET B 72 -0.28 -17.30 15.13
N GLY B 73 0.53 -16.74 16.02
CA GLY B 73 1.71 -17.40 16.58
C GLY B 73 1.30 -18.59 17.43
N ILE B 74 2.02 -19.72 17.26
CA ILE B 74 1.79 -20.95 18.02
C ILE B 74 2.47 -20.71 19.39
N GLN B 75 1.78 -19.98 20.28
CA GLN B 75 2.35 -19.66 21.57
C GLN B 75 1.80 -20.57 22.70
N PRO B 76 2.66 -20.93 23.67
CA PRO B 76 2.25 -21.86 24.75
C PRO B 76 0.92 -21.61 25.45
N ALA B 77 0.56 -20.33 25.69
CA ALA B 77 -0.70 -19.93 26.32
C ALA B 77 -1.91 -20.32 25.46
N ARG B 78 -1.78 -20.15 24.13
CA ARG B 78 -2.84 -20.49 23.16
C ARG B 78 -2.99 -22.00 23.01
N GLU B 79 -1.88 -22.76 23.12
CA GLU B 79 -1.86 -24.22 23.05
C GLU B 79 -2.62 -24.91 24.19
N LYS B 80 -2.86 -24.17 25.30
CA LYS B 80 -3.62 -24.65 26.45
C LYS B 80 -5.13 -24.67 26.10
N VAL B 81 -5.53 -23.88 25.08
CA VAL B 81 -6.92 -23.69 24.67
C VAL B 81 -7.25 -24.38 23.33
N ILE B 82 -6.39 -24.19 22.32
CA ILE B 82 -6.60 -24.76 20.99
C ILE B 82 -5.38 -25.54 20.52
N ALA B 83 -5.55 -26.29 19.42
CA ALA B 83 -4.46 -27.01 18.77
C ALA B 83 -3.96 -26.19 17.58
N PHE B 84 -2.73 -26.47 17.15
CA PHE B 84 -2.17 -25.79 15.99
C PHE B 84 -1.66 -26.76 14.96
N SER B 85 -1.68 -26.33 13.71
CA SER B 85 -1.09 -27.06 12.60
C SER B 85 0.43 -26.86 12.76
N ARG B 86 1.23 -27.52 11.90
CA ARG B 86 2.67 -27.29 11.92
C ARG B 86 2.90 -25.84 11.40
N PRO B 87 3.98 -25.14 11.78
CA PRO B 87 4.15 -23.76 11.29
C PRO B 87 4.11 -23.62 9.76
N TYR B 88 3.41 -22.59 9.27
CA TYR B 88 3.39 -22.32 7.83
C TYR B 88 4.22 -21.07 7.51
N LEU B 89 4.69 -20.34 8.55
CA LEU B 89 5.55 -19.17 8.46
C LEU B 89 6.40 -19.05 9.72
N LEU B 90 7.66 -18.62 9.56
CA LEU B 90 8.57 -18.41 10.69
C LEU B 90 8.99 -16.93 10.72
N THR B 91 8.86 -16.26 11.88
CA THR B 91 9.21 -14.84 11.96
C THR B 91 9.76 -14.38 13.34
N PRO B 92 10.89 -13.65 13.36
CA PRO B 92 11.33 -13.01 14.61
C PRO B 92 10.47 -11.76 14.90
N MET B 93 10.62 -11.22 16.10
CA MET B 93 9.92 -10.04 16.59
C MET B 93 10.90 -8.91 16.79
N THR B 94 10.52 -7.68 16.46
CA THR B 94 11.42 -6.54 16.66
C THR B 94 10.61 -5.28 17.00
N PHE B 95 11.31 -4.17 17.31
CA PHE B 95 10.69 -2.91 17.71
C PHE B 95 10.51 -1.92 16.54
N LEU B 96 9.55 -1.01 16.69
CA LEU B 96 9.22 0.00 15.69
C LEU B 96 9.16 1.37 16.35
N THR B 97 9.73 2.39 15.68
CA THR B 97 9.71 3.78 16.13
C THR B 97 9.75 4.72 14.91
N THR B 98 9.80 6.04 15.15
CA THR B 98 9.92 7.02 14.08
C THR B 98 11.38 7.17 13.65
N ALA B 99 11.62 7.64 12.42
CA ALA B 99 12.96 7.83 11.84
C ALA B 99 13.81 8.89 12.58
N ASP B 100 13.16 9.85 13.27
CA ASP B 100 13.81 10.93 14.01
C ASP B 100 13.94 10.64 15.52
N SER B 101 13.60 9.41 15.94
CA SER B 101 13.61 9.03 17.36
C SER B 101 15.02 8.83 17.94
N PRO B 102 15.31 9.40 19.14
CA PRO B 102 16.61 9.14 19.81
C PRO B 102 16.82 7.66 20.13
N LEU B 103 15.71 6.86 20.21
CA LEU B 103 15.74 5.41 20.45
C LEU B 103 16.58 4.69 19.40
N LEU B 104 16.69 5.26 18.19
CA LEU B 104 17.44 4.69 17.07
C LEU B 104 18.96 4.70 17.24
N LYS B 105 19.48 5.59 18.10
CA LYS B 105 20.93 5.66 18.33
C LYS B 105 21.42 4.63 19.38
N THR B 106 20.47 3.85 19.97
CA THR B 106 20.77 2.77 20.92
C THR B 106 21.51 1.65 20.17
N GLN B 107 22.64 1.23 20.70
CA GLN B 107 23.46 0.18 20.13
C GLN B 107 22.78 -1.17 20.33
N VAL B 108 22.87 -2.06 19.32
CA VAL B 108 22.29 -3.39 19.42
C VAL B 108 23.48 -4.35 19.61
N ALA B 109 23.65 -4.90 20.83
CA ALA B 109 24.74 -5.81 21.16
C ALA B 109 24.46 -7.21 20.63
N ILE B 110 23.18 -7.62 20.64
CA ILE B 110 22.73 -8.94 20.17
C ILE B 110 21.67 -8.74 19.10
N GLU B 111 22.04 -8.98 17.85
CA GLU B 111 21.17 -8.84 16.66
C GLU B 111 20.03 -9.87 16.63
N ASN B 112 20.35 -11.15 16.91
CA ASN B 112 19.38 -12.24 16.94
C ASN B 112 19.25 -12.76 18.37
N LEU B 113 18.14 -12.41 19.04
CA LEU B 113 17.92 -12.74 20.43
C LEU B 113 16.90 -13.90 20.68
N PRO B 114 17.36 -15.16 20.88
CA PRO B 114 16.41 -16.24 21.23
C PRO B 114 16.02 -16.11 22.72
N LEU B 115 14.74 -16.36 23.05
CA LEU B 115 14.22 -16.23 24.42
C LEU B 115 13.89 -17.56 25.12
N ASP B 116 14.26 -18.68 24.48
CA ASP B 116 14.02 -20.03 25.01
C ASP B 116 14.84 -20.35 26.26
N ASN B 117 16.09 -19.88 26.31
CA ASN B 117 16.99 -20.09 27.46
C ASN B 117 17.88 -18.86 27.66
N ILE B 118 17.28 -17.78 28.21
CA ILE B 118 17.90 -16.45 28.42
C ILE B 118 19.15 -16.51 29.34
N THR B 119 20.30 -16.18 28.73
CA THR B 119 21.60 -16.14 29.41
C THR B 119 21.80 -14.77 30.09
N PRO B 120 22.79 -14.58 31.00
CA PRO B 120 22.96 -13.25 31.64
C PRO B 120 23.26 -12.13 30.63
N GLU B 121 23.92 -12.48 29.51
CA GLU B 121 24.25 -11.58 28.39
C GLU B 121 22.98 -11.15 27.67
N GLN B 122 22.07 -12.12 27.43
CA GLN B 122 20.78 -11.90 26.77
C GLN B 122 19.86 -11.08 27.68
N LYS B 123 19.87 -11.36 28.99
CA LYS B 123 19.08 -10.64 29.99
C LYS B 123 19.56 -9.18 30.06
N ALA B 124 20.89 -8.95 30.01
CA ALA B 124 21.53 -7.63 30.04
C ALA B 124 21.06 -6.77 28.89
N GLU B 125 20.92 -7.36 27.69
CA GLU B 125 20.42 -6.71 26.48
C GLU B 125 18.94 -6.34 26.64
N LEU B 126 18.13 -7.27 27.15
CA LEU B 126 16.71 -7.06 27.43
C LEU B 126 16.52 -5.93 28.45
N ASP B 127 17.33 -5.92 29.53
CA ASP B 127 17.29 -4.90 30.59
C ASP B 127 17.67 -3.50 30.07
N LYS B 128 18.64 -3.44 29.14
CA LYS B 128 19.11 -2.19 28.52
C LYS B 128 17.92 -1.52 27.79
N PHE B 129 17.22 -2.31 26.96
CA PHE B 129 16.05 -1.87 26.20
C PHE B 129 14.88 -1.52 27.12
N THR B 130 14.65 -2.31 28.19
CA THR B 130 13.61 -2.02 29.20
C THR B 130 13.87 -0.62 29.80
N LYS B 131 15.14 -0.34 30.21
CA LYS B 131 15.53 0.94 30.82
C LYS B 131 15.42 2.13 29.83
N ILE B 132 15.64 1.91 28.51
CA ILE B 132 15.50 2.99 27.51
C ILE B 132 14.02 3.19 27.12
N PHE B 133 13.17 2.19 27.40
CA PHE B 133 11.72 2.27 27.13
C PHE B 133 10.93 2.86 28.30
N GLU B 134 11.63 3.18 29.41
CA GLU B 134 11.07 3.82 30.60
C GLU B 134 10.81 5.29 30.21
N GLY B 135 9.59 5.77 30.46
CA GLY B 135 9.20 7.12 30.09
C GLY B 135 8.71 7.24 28.66
N VAL B 136 9.04 6.23 27.82
CA VAL B 136 8.64 6.12 26.40
C VAL B 136 7.23 5.53 26.36
N LYS B 137 6.31 6.22 25.64
CA LYS B 137 4.92 5.78 25.51
C LYS B 137 4.89 4.66 24.49
N PHE B 138 4.55 3.46 24.96
CA PHE B 138 4.56 2.25 24.17
C PHE B 138 3.14 1.80 23.85
N GLY B 139 2.92 1.39 22.60
CA GLY B 139 1.63 0.93 22.12
C GLY B 139 1.72 -0.42 21.48
N VAL B 140 0.74 -1.30 21.74
CA VAL B 140 0.68 -2.66 21.16
C VAL B 140 -0.79 -3.00 20.93
N GLN B 141 -1.06 -3.98 20.04
CA GLN B 141 -2.41 -4.47 19.84
C GLN B 141 -2.72 -5.41 21.02
N ALA B 142 -3.94 -5.31 21.58
CA ALA B 142 -4.40 -6.14 22.70
C ALA B 142 -4.58 -7.59 22.23
N GLY B 143 -4.36 -8.54 23.14
CA GLY B 143 -4.50 -9.97 22.89
C GLY B 143 -3.43 -10.58 22.02
N THR B 144 -2.28 -9.90 21.89
CA THR B 144 -1.17 -10.38 21.07
C THR B 144 0.01 -10.89 21.90
N SER B 145 0.95 -11.60 21.25
CA SER B 145 2.20 -12.06 21.86
C SER B 145 3.07 -10.84 22.19
N HIS B 146 2.84 -9.71 21.46
CA HIS B 146 3.52 -8.43 21.66
C HIS B 146 3.15 -7.84 23.03
N GLU B 147 1.85 -7.89 23.38
CA GLU B 147 1.32 -7.45 24.67
C GLU B 147 1.84 -8.39 25.77
N ALA B 148 1.81 -9.71 25.52
CA ALA B 148 2.30 -10.75 26.43
C ALA B 148 3.80 -10.55 26.73
N PHE B 149 4.61 -10.22 25.70
CA PHE B 149 6.04 -9.96 25.90
C PHE B 149 6.24 -8.74 26.76
N MET B 150 5.52 -7.64 26.48
CA MET B 150 5.65 -6.39 27.24
C MET B 150 5.27 -6.57 28.71
N LYS B 151 4.14 -7.24 28.99
CA LYS B 151 3.67 -7.48 30.36
C LYS B 151 4.57 -8.42 31.17
N GLN B 152 5.16 -9.43 30.52
CA GLN B 152 6.00 -10.44 31.18
C GLN B 152 7.49 -10.12 31.23
N MET B 153 8.04 -9.58 30.13
CA MET B 153 9.48 -9.31 30.00
C MET B 153 9.89 -7.88 30.32
N MET B 154 8.99 -6.91 30.04
CA MET B 154 9.25 -5.48 30.29
C MET B 154 8.07 -4.87 31.12
N PRO B 155 7.72 -5.44 32.33
CA PRO B 155 6.55 -4.93 33.08
C PRO B 155 6.62 -3.48 33.56
N SER B 156 7.84 -2.94 33.73
CA SER B 156 8.06 -1.56 34.18
C SER B 156 7.76 -0.53 33.07
N VAL B 157 7.56 -1.00 31.82
CA VAL B 157 7.26 -0.14 30.68
C VAL B 157 5.74 0.10 30.62
N GLN B 158 5.29 1.37 30.68
CA GLN B 158 3.85 1.66 30.63
C GLN B 158 3.36 1.57 29.17
N ILE B 159 2.48 0.59 28.90
CA ILE B 159 1.93 0.27 27.57
C ILE B 159 0.47 0.66 27.44
N SER B 160 0.05 0.98 26.21
CA SER B 160 -1.32 1.29 25.81
C SER B 160 -1.70 0.17 24.85
N THR B 161 -2.89 -0.43 25.03
CA THR B 161 -3.34 -1.52 24.16
C THR B 161 -4.42 -1.01 23.22
N TYR B 162 -4.41 -1.55 21.99
CA TYR B 162 -5.31 -1.14 20.92
C TYR B 162 -6.10 -2.31 20.38
N ASP B 163 -7.27 -2.03 19.80
CA ASP B 163 -8.11 -3.07 19.18
C ASP B 163 -7.42 -3.65 17.94
N THR B 164 -6.85 -2.78 17.09
CA THR B 164 -6.17 -3.16 15.85
C THR B 164 -4.75 -2.59 15.78
N ILE B 165 -3.89 -3.23 14.95
CA ILE B 165 -2.49 -2.84 14.69
C ILE B 165 -2.44 -1.51 13.89
N ASP B 166 -3.52 -1.21 13.12
CA ASP B 166 -3.65 0.02 12.31
C ASP B 166 -3.78 1.26 13.20
N ASN B 167 -4.48 1.13 14.35
CA ASN B 167 -4.62 2.19 15.36
C ASN B 167 -3.27 2.42 16.05
N VAL B 168 -2.47 1.36 16.27
CA VAL B 168 -1.11 1.46 16.85
C VAL B 168 -0.26 2.33 15.91
N VAL B 169 -0.16 1.90 14.61
CA VAL B 169 0.62 2.58 13.56
C VAL B 169 0.19 4.05 13.43
N MET B 170 -1.14 4.31 13.37
CA MET B 170 -1.75 5.65 13.30
C MET B 170 -1.24 6.56 14.43
N ASP B 171 -1.30 6.06 15.69
CA ASP B 171 -0.85 6.79 16.87
C ASP B 171 0.67 7.02 16.90
N LEU B 172 1.48 6.10 16.33
CA LEU B 172 2.93 6.27 16.26
C LEU B 172 3.27 7.39 15.27
N LYS B 173 2.61 7.38 14.10
CA LYS B 173 2.78 8.41 13.06
C LYS B 173 2.27 9.77 13.54
N ALA B 174 1.14 9.78 14.29
CA ALA B 174 0.58 11.01 14.86
C ALA B 174 1.38 11.55 16.07
N GLY B 175 2.24 10.72 16.66
CA GLY B 175 3.07 11.09 17.80
C GLY B 175 2.44 10.93 19.17
N ARG B 176 1.34 10.14 19.27
CA ARG B 176 0.61 9.83 20.50
C ARG B 176 1.32 8.73 21.29
N ILE B 177 2.06 7.87 20.57
CA ILE B 177 2.93 6.82 21.10
C ILE B 177 4.32 6.98 20.47
N ASP B 178 5.37 6.61 21.21
CA ASP B 178 6.77 6.74 20.81
C ASP B 178 7.37 5.47 20.22
N ALA B 179 6.83 4.29 20.56
CA ALA B 179 7.36 3.01 20.06
C ALA B 179 6.35 1.90 20.10
N SER B 180 6.64 0.81 19.34
CA SER B 180 5.83 -0.41 19.30
C SER B 180 6.71 -1.67 19.13
N LEU B 181 6.05 -2.83 19.08
CA LEU B 181 6.64 -4.16 18.90
C LEU B 181 5.69 -4.99 18.06
N ALA B 182 6.22 -5.74 17.07
CA ALA B 182 5.49 -6.67 16.19
C ALA B 182 6.52 -7.60 15.51
N SER B 183 6.06 -8.52 14.65
CA SER B 183 6.99 -9.40 13.94
C SER B 183 7.61 -8.65 12.78
N VAL B 184 8.79 -9.13 12.31
CA VAL B 184 9.51 -8.64 11.13
C VAL B 184 8.61 -8.84 9.90
N SER B 185 7.83 -9.95 9.84
CA SER B 185 6.92 -10.22 8.72
C SER B 185 5.84 -9.14 8.56
N PHE B 186 5.47 -8.45 9.66
CA PHE B 186 4.52 -7.32 9.63
C PHE B 186 5.30 -5.98 9.38
N LEU B 187 6.39 -5.76 10.14
CA LEU B 187 7.17 -4.53 10.15
C LEU B 187 8.02 -4.26 8.92
N LYS B 188 8.58 -5.31 8.30
CA LYS B 188 9.37 -5.12 7.08
C LYS B 188 8.50 -4.62 5.90
N PRO B 189 7.36 -5.27 5.52
CA PRO B 189 6.55 -4.72 4.41
C PRO B 189 6.02 -3.31 4.70
N LEU B 190 5.75 -3.01 6.00
CA LEU B 190 5.30 -1.70 6.45
C LEU B 190 6.39 -0.63 6.24
N THR B 191 7.63 -0.91 6.69
CA THR B 191 8.75 0.03 6.62
C THR B 191 9.40 0.06 5.23
N ASP B 192 9.12 -0.96 4.39
CA ASP B 192 9.60 -0.98 3.00
C ASP B 192 8.79 -0.02 2.14
N LYS B 193 7.55 0.32 2.57
CA LYS B 193 6.69 1.22 1.81
C LYS B 193 7.28 2.64 1.82
N PRO B 194 7.28 3.38 0.68
CA PRO B 194 7.81 4.76 0.70
C PRO B 194 6.95 5.67 1.58
N ASP B 195 5.72 5.23 1.85
CA ASP B 195 4.72 5.83 2.73
C ASP B 195 5.25 5.92 4.17
N ASN B 196 6.03 4.89 4.58
CA ASN B 196 6.55 4.75 5.94
C ASN B 196 8.10 4.77 6.03
N LYS B 197 8.77 5.61 5.22
CA LYS B 197 10.22 5.79 5.26
C LYS B 197 10.62 6.68 6.46
N ASP B 198 9.61 7.15 7.20
CA ASP B 198 9.67 7.96 8.43
C ASP B 198 9.46 7.02 9.66
N LEU B 199 9.37 5.70 9.42
CA LEU B 199 9.26 4.65 10.44
C LEU B 199 10.45 3.76 10.26
N LYS B 200 11.01 3.26 11.38
CA LYS B 200 12.18 2.38 11.32
C LYS B 200 12.09 1.26 12.32
N MET B 201 12.52 0.05 11.90
CA MET B 201 12.61 -1.12 12.77
C MET B 201 13.89 -0.93 13.53
N PHE B 202 13.91 -1.34 14.79
CA PHE B 202 15.10 -1.23 15.61
C PHE B 202 15.12 -2.28 16.69
N GLY B 203 16.29 -2.44 17.27
CA GLY B 203 16.52 -3.35 18.36
C GLY B 203 16.82 -4.76 17.91
N PRO B 204 16.94 -5.68 18.88
CA PRO B 204 17.18 -7.10 18.54
C PRO B 204 15.98 -7.76 17.85
N ARG B 205 16.26 -8.86 17.14
CA ARG B 205 15.27 -9.68 16.44
C ARG B 205 15.06 -10.91 17.33
N MET B 206 13.93 -10.95 18.03
CA MET B 206 13.63 -11.98 19.03
C MET B 206 12.78 -13.14 18.54
N THR B 207 13.12 -14.36 19.00
CA THR B 207 12.40 -15.60 18.67
C THR B 207 12.20 -16.43 19.91
N GLY B 208 11.26 -17.37 19.79
CA GLY B 208 10.93 -18.34 20.83
C GLY B 208 10.37 -17.72 22.09
N GLY B 209 10.49 -18.48 23.18
CA GLY B 209 9.98 -18.07 24.48
C GLY B 209 8.47 -17.99 24.42
N LEU B 210 7.91 -16.87 24.91
CA LEU B 210 6.46 -16.66 24.92
C LEU B 210 5.89 -16.34 23.50
N PHE B 211 6.77 -16.10 22.50
CA PHE B 211 6.37 -15.84 21.11
C PHE B 211 6.05 -17.16 20.38
N GLY B 212 6.51 -18.27 20.93
CA GLY B 212 6.30 -19.60 20.39
C GLY B 212 7.16 -19.95 19.20
N LYS B 213 6.71 -20.97 18.45
CA LYS B 213 7.38 -21.49 17.27
C LYS B 213 6.57 -21.30 15.97
N GLY B 214 6.66 -20.09 15.41
CA GLY B 214 6.03 -19.72 14.14
C GLY B 214 4.53 -19.50 14.14
N VAL B 215 4.00 -19.21 12.94
CA VAL B 215 2.58 -18.95 12.67
C VAL B 215 1.94 -20.25 12.15
N GLY B 216 0.85 -20.67 12.79
CA GLY B 216 0.12 -21.89 12.44
C GLY B 216 -1.38 -21.69 12.36
N VAL B 217 -2.07 -22.71 11.84
CA VAL B 217 -3.53 -22.73 11.73
C VAL B 217 -4.09 -23.16 13.10
N GLY B 218 -4.99 -22.33 13.66
CA GLY B 218 -5.68 -22.62 14.91
C GLY B 218 -6.81 -23.58 14.62
N ILE B 219 -6.85 -24.73 15.31
CA ILE B 219 -7.85 -25.78 15.13
C ILE B 219 -8.31 -26.26 16.52
N ARG B 220 -9.57 -26.71 16.67
CA ARG B 220 -10.04 -27.24 17.95
C ARG B 220 -9.23 -28.50 18.29
N LYS B 221 -8.89 -28.69 19.57
CA LYS B 221 -8.11 -29.84 20.04
C LYS B 221 -8.71 -31.21 19.67
N GLU B 222 -10.05 -31.33 19.71
CA GLU B 222 -10.75 -32.58 19.37
C GLU B 222 -10.76 -32.86 17.86
N ASP B 223 -10.46 -31.83 17.02
CA ASP B 223 -10.40 -31.97 15.57
C ASP B 223 -8.99 -32.41 15.13
N ALA B 224 -8.60 -33.64 15.53
CA ALA B 224 -7.31 -34.25 15.21
C ALA B 224 -7.17 -34.58 13.71
N ASP B 225 -8.28 -35.03 13.06
CA ASP B 225 -8.33 -35.36 11.64
C ASP B 225 -8.12 -34.10 10.78
N LEU B 226 -8.76 -32.97 11.15
CA LEU B 226 -8.65 -31.67 10.49
C LEU B 226 -7.19 -31.16 10.55
N LYS B 227 -6.53 -31.34 11.72
CA LYS B 227 -5.12 -30.98 11.96
C LYS B 227 -4.21 -31.81 11.03
N ALA B 228 -4.39 -33.16 11.02
CA ALA B 228 -3.66 -34.12 10.18
C ALA B 228 -3.74 -33.74 8.69
N LEU B 229 -4.93 -33.27 8.23
CA LEU B 229 -5.17 -32.81 6.86
C LEU B 229 -4.39 -31.53 6.58
N PHE B 230 -4.44 -30.55 7.51
CA PHE B 230 -3.71 -29.29 7.41
C PHE B 230 -2.20 -29.51 7.39
N ASP B 231 -1.70 -30.40 8.27
CA ASP B 231 -0.28 -30.76 8.39
C ASP B 231 0.28 -31.34 7.09
N LYS B 232 -0.48 -32.23 6.42
CA LYS B 232 -0.09 -32.83 5.15
C LYS B 232 -0.06 -31.76 4.04
N ALA B 233 -1.11 -30.91 3.99
CA ALA B 233 -1.27 -29.82 3.02
C ALA B 233 -0.17 -28.75 3.16
N ILE B 234 0.20 -28.39 4.40
CA ILE B 234 1.26 -27.41 4.70
C ILE B 234 2.63 -27.96 4.28
N ASP B 235 2.93 -29.23 4.64
CA ASP B 235 4.19 -29.89 4.27
C ASP B 235 4.38 -29.94 2.75
N ALA B 236 3.27 -30.16 1.99
CA ALA B 236 3.28 -30.18 0.53
C ALA B 236 3.49 -28.78 -0.05
N ALA B 237 2.80 -27.75 0.51
CA ALA B 237 2.90 -26.33 0.10
C ALA B 237 4.31 -25.77 0.35
N ILE B 238 4.98 -26.23 1.43
CA ILE B 238 6.35 -25.83 1.77
C ILE B 238 7.30 -26.51 0.79
N ALA B 239 7.20 -27.85 0.64
CA ALA B 239 8.04 -28.65 -0.25
C ALA B 239 8.07 -28.19 -1.71
N ASP B 240 6.91 -27.82 -2.30
CA ASP B 240 6.85 -27.40 -3.70
C ASP B 240 7.10 -25.88 -3.93
N GLY B 241 7.43 -25.16 -2.85
CA GLY B 241 7.77 -23.74 -2.88
C GLY B 241 6.62 -22.75 -2.97
N THR B 242 5.37 -23.20 -2.72
CA THR B 242 4.17 -22.36 -2.74
C THR B 242 4.17 -21.34 -1.60
N VAL B 243 4.63 -21.75 -0.40
CA VAL B 243 4.68 -20.85 0.75
C VAL B 243 5.71 -19.74 0.50
N GLN B 244 6.89 -20.10 -0.05
CA GLN B 244 7.98 -19.19 -0.39
C GLN B 244 7.52 -18.15 -1.42
N LYS B 245 6.80 -18.61 -2.47
CA LYS B 245 6.24 -17.77 -3.53
C LYS B 245 5.27 -16.73 -2.98
N LEU B 246 4.26 -17.17 -2.18
CA LEU B 246 3.27 -16.30 -1.56
C LEU B 246 3.91 -15.37 -0.54
N SER B 247 4.96 -15.85 0.16
CA SER B 247 5.70 -15.04 1.13
C SER B 247 6.38 -13.85 0.44
N GLN B 248 7.12 -14.10 -0.66
CA GLN B 248 7.79 -13.05 -1.42
C GLN B 248 6.77 -12.07 -2.02
N GLN B 249 5.65 -12.60 -2.55
CA GLN B 249 4.53 -11.84 -3.14
C GLN B 249 3.90 -10.86 -2.14
N TRP B 250 3.67 -11.31 -0.88
CA TRP B 250 3.02 -10.51 0.15
C TRP B 250 3.98 -9.76 1.09
N PHE B 251 5.09 -10.38 1.54
CA PHE B 251 6.01 -9.77 2.50
C PHE B 251 7.26 -9.12 1.90
N GLY B 252 7.55 -9.42 0.63
CA GLY B 252 8.74 -8.91 -0.04
C GLY B 252 10.02 -9.65 0.31
N TYR B 253 9.90 -10.83 0.96
CA TYR B 253 11.02 -11.69 1.36
C TYR B 253 10.53 -13.11 1.69
N ASP B 254 11.45 -14.06 1.87
CA ASP B 254 11.10 -15.45 2.20
C ASP B 254 11.05 -15.70 3.72
N ALA B 255 9.82 -15.86 4.28
CA ALA B 255 9.59 -16.16 5.70
C ALA B 255 9.02 -17.58 5.87
N SER B 256 9.09 -18.41 4.80
CA SER B 256 8.60 -19.79 4.81
C SER B 256 9.50 -20.72 5.66
N PRO B 257 8.92 -21.74 6.35
CA PRO B 257 9.75 -22.66 7.12
C PRO B 257 10.49 -23.65 6.21
N LYS B 258 11.46 -24.38 6.78
CA LYS B 258 12.21 -25.39 6.03
C LYS B 258 11.79 -26.81 6.47
#